data_3VP4
#
_entry.id   3VP4
#
_cell.length_a   139.555
_cell.length_b   139.555
_cell.length_c   156.866
_cell.angle_alpha   90.00
_cell.angle_beta   90.00
_cell.angle_gamma   90.00
#
_symmetry.space_group_name_H-M   'I 41 2 2'
#
loop_
_entity.id
_entity.type
_entity.pdbx_description
1 polymer 'Glutaminase kidney isoform, mitochondrial'
2 non-polymer "5,5'-butane-1,4-diylbis(1,3,4-thiadiazol-2-amine)"
3 water water
#
_entity_poly.entity_id   1
_entity_poly.type   'polypeptide(L)'
_entity_poly.pdbx_seq_one_letter_code
;QSMIPDFMSFTSHIDELYESAKKQSGGKVADYIPQLAKFSPDLWGVSVCTVDGQRHSTGDTKVPFCLQSCVKPLKYAIAV
NDLGTEYVHRYVGKEPSGLRFNKLFLNEDDKPHNPMVNAGAIVVTSLIKQGVNNAEKFDYVMQFLNKMAGNEYVGFSNAT
FQSERESGDRNFAIGYYLKEKKCFPEGTDMVGILDFYFQLCSIEVTCESASVMAATLANGGFCPITGERVLSPEAVRNTL
SLMHSCGMYDFSGQFAFHVGLPAKSGVAGGILLVVPNVMGMMCWSPPLDKMGNSVKGIHFCHDLVSLCNFHNYDNL
;
_entity_poly.pdbx_strand_id   A
#
loop_
_chem_comp.id
_chem_comp.type
_chem_comp.name
_chem_comp.formula
BP9 non-polymer 5,5'-butane-1,4-diylbis(1,3,4-thiadiazol-2-amine) 'C8 H12 N6 S2'
#
# COMPACT_ATOMS: atom_id res chain seq x y z
N GLN A 1 -21.96 -10.47 2.50
CA GLN A 1 -22.48 -9.79 3.73
C GLN A 1 -22.06 -10.58 4.96
N SER A 2 -22.70 -11.73 5.20
CA SER A 2 -22.37 -12.58 6.35
C SER A 2 -20.92 -13.03 6.28
N MET A 3 -20.04 -12.18 6.79
CA MET A 3 -18.61 -12.46 6.79
C MET A 3 -18.26 -13.85 7.33
N ILE A 4 -17.68 -13.86 8.53
CA ILE A 4 -17.29 -15.08 9.20
C ILE A 4 -18.34 -15.32 10.28
N PRO A 5 -18.77 -16.58 10.47
CA PRO A 5 -19.77 -16.91 11.48
C PRO A 5 -19.43 -16.35 12.87
N ASP A 6 -18.40 -16.93 13.50
CA ASP A 6 -17.94 -16.52 14.82
C ASP A 6 -16.58 -15.85 14.74
N PHE A 7 -16.55 -14.55 15.01
CA PHE A 7 -15.31 -13.78 14.97
C PHE A 7 -14.27 -14.24 15.98
N MET A 8 -14.71 -14.58 17.18
CA MET A 8 -13.81 -15.03 18.21
C MET A 8 -13.07 -16.30 17.77
N SER A 9 -13.78 -17.19 17.07
CA SER A 9 -13.17 -18.43 16.61
C SER A 9 -12.24 -18.13 15.44
N PHE A 10 -12.64 -17.15 14.62
CA PHE A 10 -11.84 -16.74 13.48
C PHE A 10 -10.50 -16.24 13.99
N THR A 11 -10.56 -15.50 15.10
CA THR A 11 -9.40 -14.96 15.76
C THR A 11 -8.42 -16.08 16.09
N SER A 12 -8.97 -17.20 16.56
CA SER A 12 -8.15 -18.34 16.93
C SER A 12 -7.41 -18.91 15.71
N HIS A 13 -8.03 -18.79 14.55
CA HIS A 13 -7.40 -19.28 13.32
C HIS A 13 -6.31 -18.33 12.85
N ILE A 14 -6.54 -17.02 13.03
CA ILE A 14 -5.55 -16.04 12.65
C ILE A 14 -4.26 -16.36 13.41
N ASP A 15 -4.39 -16.60 14.71
CA ASP A 15 -3.23 -16.90 15.54
C ASP A 15 -2.48 -18.14 15.09
N GLU A 16 -3.21 -19.15 14.61
CA GLU A 16 -2.58 -20.38 14.13
C GLU A 16 -1.79 -20.09 12.87
N LEU A 17 -2.42 -19.38 11.94
CA LEU A 17 -1.77 -19.03 10.69
C LEU A 17 -0.54 -18.16 11.01
N TYR A 18 -0.71 -17.22 11.92
CA TYR A 18 0.38 -16.34 12.32
C TYR A 18 1.55 -17.16 12.85
N GLU A 19 1.25 -18.15 13.67
CA GLU A 19 2.25 -19.01 14.26
C GLU A 19 2.95 -19.86 13.19
N SER A 20 2.17 -20.34 12.24
CA SER A 20 2.71 -21.15 11.17
C SER A 20 3.68 -20.32 10.31
N ALA A 21 3.27 -19.10 9.97
CA ALA A 21 4.10 -18.21 9.17
C ALA A 21 5.41 -17.88 9.88
N LYS A 22 5.33 -17.78 11.21
CA LYS A 22 6.47 -17.44 12.04
C LYS A 22 7.68 -18.37 11.82
N LYS A 23 7.42 -19.59 11.39
CA LYS A 23 8.49 -20.56 11.15
C LYS A 23 9.28 -20.28 9.88
N GLN A 24 8.72 -19.46 9.00
CA GLN A 24 9.37 -19.09 7.75
C GLN A 24 10.42 -18.01 8.01
N SER A 25 11.67 -18.41 8.06
CA SER A 25 12.76 -17.47 8.35
C SER A 25 13.57 -17.02 7.15
N GLY A 26 13.12 -17.33 5.95
CA GLY A 26 13.87 -16.93 4.77
C GLY A 26 13.77 -15.45 4.42
N GLY A 27 14.46 -15.06 3.36
CA GLY A 27 14.41 -13.67 2.94
C GLY A 27 15.50 -12.79 3.51
N LYS A 28 15.57 -11.57 3.00
CA LYS A 28 16.55 -10.62 3.45
C LYS A 28 15.89 -9.27 3.69
N VAL A 29 16.25 -8.64 4.80
CA VAL A 29 15.72 -7.34 5.17
C VAL A 29 16.33 -6.33 4.21
N ALA A 30 15.49 -5.49 3.60
CA ALA A 30 16.00 -4.48 2.68
C ALA A 30 17.13 -3.73 3.36
N ASP A 31 18.13 -3.30 2.59
CA ASP A 31 19.25 -2.60 3.18
C ASP A 31 19.89 -1.55 2.28
N TYR A 32 19.13 -1.01 1.33
CA TYR A 32 19.71 0.00 0.46
C TYR A 32 19.89 1.30 1.22
N ILE A 33 19.22 1.40 2.37
CA ILE A 33 19.37 2.56 3.27
C ILE A 33 19.42 1.99 4.68
N PRO A 34 20.17 2.64 5.58
CA PRO A 34 20.30 2.17 6.96
C PRO A 34 18.96 2.11 7.72
N GLN A 35 18.07 3.04 7.43
CA GLN A 35 16.78 3.05 8.12
C GLN A 35 15.97 1.78 7.91
N LEU A 36 16.30 1.02 6.88
CA LEU A 36 15.59 -0.23 6.62
C LEU A 36 16.40 -1.41 7.14
N ALA A 37 17.73 -1.31 7.00
CA ALA A 37 18.64 -2.37 7.45
C ALA A 37 18.56 -2.58 8.96
N LYS A 38 18.25 -1.51 9.69
CA LYS A 38 18.13 -1.53 11.14
C LYS A 38 17.20 -2.61 11.65
N PHE A 39 16.09 -2.81 10.95
CA PHE A 39 15.08 -3.75 11.42
C PHE A 39 15.47 -5.20 11.61
N SER A 40 14.95 -5.76 12.69
CA SER A 40 15.19 -7.15 13.04
C SER A 40 14.38 -8.06 12.13
N PRO A 41 15.02 -9.10 11.59
CA PRO A 41 14.31 -10.03 10.71
C PRO A 41 13.21 -10.81 11.43
N ASP A 42 13.22 -10.77 12.76
CA ASP A 42 12.24 -11.51 13.54
C ASP A 42 10.94 -10.78 13.82
N LEU A 43 10.88 -9.49 13.50
CA LEU A 43 9.65 -8.76 13.73
C LEU A 43 8.57 -9.39 12.86
N TRP A 44 7.38 -9.60 13.42
CA TRP A 44 6.30 -10.23 12.68
C TRP A 44 4.96 -9.90 13.34
N GLY A 45 4.14 -9.11 12.65
CA GLY A 45 2.85 -8.73 13.20
C GLY A 45 1.71 -8.86 12.20
N VAL A 46 0.51 -9.14 12.71
CA VAL A 46 -0.70 -9.29 11.90
C VAL A 46 -1.88 -8.65 12.64
N SER A 47 -2.46 -7.61 12.03
CA SER A 47 -3.60 -6.93 12.62
C SER A 47 -4.80 -7.05 11.68
N VAL A 48 -5.95 -7.34 12.28
CA VAL A 48 -7.18 -7.50 11.53
C VAL A 48 -8.20 -6.49 11.98
N CYS A 49 -8.97 -5.96 11.04
CA CYS A 49 -10.03 -5.01 11.34
C CYS A 49 -11.15 -5.27 10.36
N THR A 50 -12.25 -5.82 10.88
CA THR A 50 -13.40 -6.16 10.04
C THR A 50 -14.23 -4.95 9.67
N VAL A 51 -15.20 -5.18 8.81
CA VAL A 51 -16.11 -4.15 8.34
C VAL A 51 -17.01 -3.76 9.52
N ASP A 52 -17.12 -4.69 10.46
CA ASP A 52 -17.91 -4.53 11.69
C ASP A 52 -17.25 -3.48 12.58
N GLY A 53 -15.92 -3.57 12.66
CA GLY A 53 -15.15 -2.66 13.49
C GLY A 53 -14.46 -3.50 14.53
N GLN A 54 -14.60 -4.81 14.39
CA GLN A 54 -13.98 -5.75 15.32
C GLN A 54 -12.48 -5.84 15.03
N ARG A 55 -11.67 -5.81 16.08
CA ARG A 55 -10.22 -5.85 15.94
C ARG A 55 -9.57 -7.10 16.51
N HIS A 56 -8.31 -7.32 16.14
CA HIS A 56 -7.52 -8.44 16.64
C HIS A 56 -6.10 -8.33 16.13
N SER A 57 -5.13 -8.41 17.04
CA SER A 57 -3.74 -8.31 16.65
C SER A 57 -2.94 -9.43 17.27
N THR A 58 -1.83 -9.77 16.63
CA THR A 58 -0.94 -10.80 17.12
C THR A 58 0.44 -10.47 16.61
N GLY A 59 1.43 -10.55 17.50
CA GLY A 59 2.79 -10.24 17.09
C GLY A 59 3.14 -8.79 17.32
N ASP A 60 4.17 -8.32 16.61
CA ASP A 60 4.64 -6.96 16.76
C ASP A 60 3.76 -5.97 16.00
N THR A 61 2.53 -5.80 16.47
CA THR A 61 1.58 -4.93 15.80
C THR A 61 1.57 -3.47 16.21
N LYS A 62 2.49 -3.06 17.09
CA LYS A 62 2.58 -1.66 17.53
C LYS A 62 3.92 -1.01 17.26
N VAL A 63 4.78 -1.70 16.51
CA VAL A 63 6.09 -1.18 16.17
C VAL A 63 5.92 -0.41 14.86
N PRO A 64 6.19 0.91 14.88
CA PRO A 64 6.03 1.70 13.64
C PRO A 64 6.99 1.28 12.55
N PHE A 65 6.55 1.37 11.30
CA PHE A 65 7.39 1.07 10.15
C PHE A 65 6.87 1.91 8.98
N CYS A 66 7.72 2.16 7.98
CA CYS A 66 7.33 2.98 6.83
C CYS A 66 6.43 2.27 5.82
N LEU A 67 5.43 3.00 5.32
CA LEU A 67 4.51 2.45 4.34
C LEU A 67 5.25 2.11 3.06
N GLN A 68 6.16 2.98 2.65
CA GLN A 68 6.90 2.78 1.41
C GLN A 68 5.88 2.60 0.28
N SER A 69 5.98 1.54 -0.51
CA SER A 69 5.04 1.38 -1.61
C SER A 69 3.60 1.12 -1.18
N CYS A 70 3.40 0.80 0.10
CA CYS A 70 2.04 0.55 0.58
C CYS A 70 1.20 1.81 0.47
N VAL A 71 1.86 2.96 0.42
CA VAL A 71 1.18 4.25 0.30
C VAL A 71 0.64 4.50 -1.12
N LYS A 72 1.16 3.78 -2.12
CA LYS A 72 0.73 3.97 -3.51
C LYS A 72 -0.78 3.82 -3.72
N PRO A 73 -1.39 2.74 -3.23
CA PRO A 73 -2.84 2.57 -3.39
C PRO A 73 -3.57 3.74 -2.73
N LEU A 74 -3.10 4.10 -1.52
CA LEU A 74 -3.69 5.18 -0.74
C LEU A 74 -3.69 6.55 -1.43
N LYS A 75 -2.55 6.98 -1.97
CA LYS A 75 -2.56 8.28 -2.65
C LYS A 75 -3.34 8.22 -3.96
N TYR A 76 -3.39 7.05 -4.57
CA TYR A 76 -4.14 6.90 -5.81
C TYR A 76 -5.62 7.05 -5.47
N ALA A 77 -6.05 6.43 -4.37
CA ALA A 77 -7.43 6.51 -3.95
C ALA A 77 -7.78 7.99 -3.76
N ILE A 78 -6.89 8.70 -3.08
CA ILE A 78 -7.11 10.11 -2.84
C ILE A 78 -7.26 10.92 -4.12
N ALA A 79 -6.41 10.65 -5.11
CA ALA A 79 -6.46 11.37 -6.39
C ALA A 79 -7.79 11.15 -7.11
N VAL A 80 -8.22 9.89 -7.19
CA VAL A 80 -9.47 9.57 -7.84
C VAL A 80 -10.62 10.22 -7.07
N ASN A 81 -10.52 10.18 -5.74
CA ASN A 81 -11.55 10.76 -4.89
C ASN A 81 -11.74 12.26 -5.11
N ASP A 82 -10.65 12.98 -5.37
CA ASP A 82 -10.75 14.41 -5.57
C ASP A 82 -10.80 14.85 -7.03
N LEU A 83 -10.39 13.97 -7.94
CA LEU A 83 -10.36 14.34 -9.35
C LEU A 83 -11.18 13.43 -10.29
N GLY A 84 -11.55 12.24 -9.81
CA GLY A 84 -12.32 11.34 -10.64
C GLY A 84 -11.49 10.48 -11.57
N THR A 85 -12.00 9.29 -11.87
CA THR A 85 -11.32 8.35 -12.75
C THR A 85 -10.74 8.95 -14.02
N GLU A 86 -11.61 9.60 -14.79
CA GLU A 86 -11.25 10.18 -16.07
C GLU A 86 -10.01 11.08 -16.05
N TYR A 87 -10.02 12.09 -15.19
CA TYR A 87 -8.89 13.00 -15.11
C TYR A 87 -7.59 12.28 -14.73
N VAL A 88 -7.62 11.56 -13.62
CA VAL A 88 -6.43 10.85 -13.16
C VAL A 88 -5.82 9.98 -14.25
N HIS A 89 -6.65 9.24 -14.97
CA HIS A 89 -6.11 8.37 -15.98
C HIS A 89 -5.71 8.99 -17.31
N ARG A 90 -5.63 10.31 -17.34
CA ARG A 90 -5.16 10.98 -18.54
C ARG A 90 -3.64 10.96 -18.36
N TYR A 91 -3.22 10.75 -17.12
CA TYR A 91 -1.79 10.74 -16.77
C TYR A 91 -1.21 9.38 -16.40
N VAL A 92 -2.05 8.39 -16.10
CA VAL A 92 -1.53 7.08 -15.72
C VAL A 92 -2.40 5.92 -16.23
N GLY A 93 -1.73 4.84 -16.65
CA GLY A 93 -2.42 3.66 -17.16
C GLY A 93 -3.27 2.89 -16.16
N LYS A 94 -3.86 1.79 -16.61
CA LYS A 94 -4.73 0.97 -15.77
C LYS A 94 -4.38 -0.51 -15.76
N GLU A 95 -3.18 -0.87 -16.17
CA GLU A 95 -2.85 -2.30 -16.19
C GLU A 95 -1.40 -2.67 -15.92
N PRO A 96 -1.17 -3.97 -15.66
CA PRO A 96 0.16 -4.50 -15.39
C PRO A 96 1.03 -4.35 -16.63
N SER A 97 2.32 -4.07 -16.44
CA SER A 97 3.21 -3.93 -17.58
C SER A 97 3.76 -5.31 -17.87
N GLY A 98 4.67 -5.39 -18.84
CA GLY A 98 5.27 -6.66 -19.19
C GLY A 98 6.14 -7.23 -18.08
N LEU A 99 7.33 -6.67 -17.89
CA LEU A 99 8.24 -7.13 -16.85
C LEU A 99 9.11 -6.03 -16.25
N ASN A 102 15.29 -3.61 -19.85
CA ASN A 102 14.13 -4.30 -19.31
C ASN A 102 13.39 -3.42 -18.29
N LYS A 103 12.08 -3.31 -18.46
CA LYS A 103 11.19 -2.51 -17.60
C LYS A 103 11.25 -1.02 -17.91
N LEU A 104 10.58 -0.65 -19.00
CA LEU A 104 10.51 0.73 -19.48
C LEU A 104 9.70 1.58 -18.50
N PHE A 105 10.02 2.87 -18.44
CA PHE A 105 9.31 3.77 -17.54
C PHE A 105 7.90 4.07 -18.08
N LEU A 106 7.75 4.13 -19.40
CA LEU A 106 6.44 4.43 -19.99
C LEU A 106 5.90 3.35 -20.90
N ASN A 107 4.61 3.46 -21.21
CA ASN A 107 3.95 2.49 -22.08
C ASN A 107 3.72 3.07 -23.48
N GLU A 108 2.97 2.33 -24.29
CA GLU A 108 2.66 2.71 -25.66
C GLU A 108 2.18 4.16 -25.82
N ASP A 109 1.45 4.67 -24.83
CA ASP A 109 0.93 6.04 -24.90
C ASP A 109 1.74 7.05 -24.09
N ASP A 110 2.98 6.71 -23.76
CA ASP A 110 3.85 7.59 -22.99
C ASP A 110 3.27 7.93 -21.60
N LYS A 111 2.65 6.95 -20.97
CA LYS A 111 2.08 7.10 -19.63
C LYS A 111 2.62 5.98 -18.77
N PRO A 112 2.80 6.22 -17.46
CA PRO A 112 3.30 5.13 -16.63
C PRO A 112 2.23 4.04 -16.69
N HIS A 113 2.64 2.78 -16.79
CA HIS A 113 1.70 1.67 -16.92
C HIS A 113 0.54 1.68 -15.94
N ASN A 114 0.81 1.97 -14.67
CA ASN A 114 -0.24 1.99 -13.67
C ASN A 114 0.24 2.73 -12.43
N PRO A 115 -0.68 3.04 -11.49
CA PRO A 115 -0.31 3.76 -10.26
C PRO A 115 0.53 2.97 -9.26
N MET A 116 0.64 1.65 -9.45
CA MET A 116 1.41 0.86 -8.49
C MET A 116 2.92 0.77 -8.72
N VAL A 117 3.40 1.27 -9.86
CA VAL A 117 4.84 1.26 -10.11
C VAL A 117 5.33 2.67 -9.83
N ASN A 118 6.62 2.81 -9.54
CA ASN A 118 7.19 4.11 -9.20
C ASN A 118 6.80 5.26 -10.14
N ALA A 119 7.02 5.08 -11.45
CA ALA A 119 6.71 6.14 -12.40
C ALA A 119 5.26 6.56 -12.28
N GLY A 120 4.38 5.60 -12.01
CA GLY A 120 2.97 5.91 -11.86
C GLY A 120 2.68 6.68 -10.59
N ALA A 121 3.19 6.17 -9.49
CA ALA A 121 3.00 6.80 -8.19
C ALA A 121 3.53 8.23 -8.24
N ILE A 122 4.65 8.44 -8.93
CA ILE A 122 5.23 9.78 -9.04
C ILE A 122 4.28 10.73 -9.78
N VAL A 123 3.67 10.25 -10.86
CA VAL A 123 2.73 11.06 -11.62
C VAL A 123 1.49 11.33 -10.78
N VAL A 124 0.99 10.29 -10.11
CA VAL A 124 -0.19 10.44 -9.26
C VAL A 124 0.12 11.51 -8.19
N THR A 125 1.32 11.44 -7.63
CA THR A 125 1.72 12.40 -6.62
C THR A 125 1.62 13.83 -7.13
N SER A 126 1.88 14.04 -8.42
CA SER A 126 1.83 15.38 -8.99
C SER A 126 0.41 15.89 -9.23
N LEU A 127 -0.59 15.03 -9.07
CA LEU A 127 -1.96 15.45 -9.30
C LEU A 127 -2.67 15.91 -8.02
N ILE A 128 -2.22 15.44 -6.88
CA ILE A 128 -2.86 15.79 -5.61
C ILE A 128 -2.67 17.23 -5.14
N LYS A 129 -3.78 17.86 -4.79
CA LYS A 129 -3.80 19.22 -4.27
C LYS A 129 -2.85 20.17 -5.00
N GLN A 130 -2.99 20.26 -6.32
CA GLN A 130 -2.12 21.14 -7.11
C GLN A 130 -2.29 22.60 -6.74
N GLY A 131 -1.21 23.35 -6.82
CA GLY A 131 -1.30 24.77 -6.50
C GLY A 131 -0.70 25.16 -5.15
N VAL A 132 -1.03 24.41 -4.11
CA VAL A 132 -0.51 24.71 -2.77
C VAL A 132 0.93 24.21 -2.65
N ASN A 133 1.61 24.63 -1.59
CA ASN A 133 2.99 24.22 -1.35
C ASN A 133 3.06 22.78 -0.83
N ASN A 134 4.26 22.22 -0.85
CA ASN A 134 4.47 20.86 -0.40
C ASN A 134 4.09 20.64 1.05
N ALA A 135 4.39 21.61 1.91
CA ALA A 135 4.02 21.44 3.31
C ALA A 135 2.51 21.25 3.43
N GLU A 136 1.76 22.05 2.69
CA GLU A 136 0.31 21.98 2.71
C GLU A 136 -0.20 20.67 2.12
N LYS A 137 0.39 20.27 0.99
CA LYS A 137 0.01 19.02 0.34
C LYS A 137 0.22 17.88 1.33
N PHE A 138 1.38 17.87 1.99
CA PHE A 138 1.69 16.83 2.95
C PHE A 138 0.68 16.78 4.08
N ASP A 139 0.32 17.96 4.63
CA ASP A 139 -0.66 17.99 5.72
C ASP A 139 -1.98 17.41 5.23
N TYR A 140 -2.36 17.79 4.02
CA TYR A 140 -3.58 17.33 3.39
C TYR A 140 -3.67 15.80 3.33
N VAL A 141 -2.62 15.15 2.85
CA VAL A 141 -2.61 13.69 2.76
C VAL A 141 -2.60 13.05 4.16
N MET A 142 -1.85 13.64 5.08
CA MET A 142 -1.79 13.10 6.45
C MET A 142 -3.19 13.07 7.03
N GLN A 143 -3.92 14.17 6.83
CA GLN A 143 -5.29 14.29 7.30
C GLN A 143 -6.08 13.11 6.73
N PHE A 144 -5.97 12.92 5.42
CA PHE A 144 -6.67 11.86 4.73
C PHE A 144 -6.32 10.49 5.30
N LEU A 145 -5.03 10.23 5.51
CA LEU A 145 -4.61 8.95 6.06
C LEU A 145 -5.17 8.77 7.47
N ASN A 146 -5.25 9.86 8.24
CA ASN A 146 -5.80 9.76 9.59
C ASN A 146 -7.26 9.30 9.53
N LYS A 147 -8.04 9.87 8.63
CA LYS A 147 -9.44 9.50 8.48
C LYS A 147 -9.58 8.02 8.11
N MET A 148 -8.70 7.53 7.24
CA MET A 148 -8.75 6.12 6.84
C MET A 148 -8.39 5.20 7.99
N ALA A 149 -7.52 5.68 8.87
CA ALA A 149 -7.07 4.92 10.01
C ALA A 149 -7.92 5.15 11.26
N GLY A 150 -9.05 5.85 11.09
CA GLY A 150 -9.89 6.13 12.24
C GLY A 150 -9.07 6.81 13.32
N ASN A 151 -8.20 7.73 12.89
CA ASN A 151 -7.34 8.49 13.79
C ASN A 151 -6.31 7.69 14.59
N GLU A 152 -5.97 6.49 14.13
CA GLU A 152 -4.97 5.72 14.84
C GLU A 152 -3.58 6.13 14.36
N TYR A 153 -2.55 5.47 14.85
CA TYR A 153 -1.18 5.85 14.51
C TYR A 153 -0.80 6.13 13.05
N VAL A 154 -0.34 7.34 12.81
CA VAL A 154 0.12 7.77 11.51
C VAL A 154 1.26 8.75 11.77
N GLY A 155 2.49 8.27 11.64
CA GLY A 155 3.64 9.12 11.88
C GLY A 155 4.45 9.44 10.64
N PHE A 156 5.70 9.83 10.84
CA PHE A 156 6.59 10.19 9.75
C PHE A 156 8.04 9.94 10.11
N SER A 157 8.78 9.32 9.20
CA SER A 157 10.20 9.05 9.45
C SER A 157 11.10 10.01 8.68
N ASN A 158 11.57 11.06 9.35
CA ASN A 158 12.44 12.02 8.70
C ASN A 158 13.74 11.36 8.26
N ALA A 159 14.22 10.39 9.03
CA ALA A 159 15.45 9.69 8.68
C ALA A 159 15.30 8.95 7.36
N THR A 160 14.17 8.26 7.19
CA THR A 160 13.90 7.52 5.97
C THR A 160 13.77 8.51 4.81
N PHE A 161 12.99 9.56 5.03
CA PHE A 161 12.79 10.59 4.01
C PHE A 161 14.12 11.14 3.50
N GLN A 162 15.00 11.55 4.41
CA GLN A 162 16.31 12.09 4.06
C GLN A 162 17.15 11.08 3.29
N SER A 163 17.17 9.84 3.74
CA SER A 163 17.93 8.78 3.08
C SER A 163 17.37 8.43 1.71
N GLU A 164 16.06 8.46 1.57
CA GLU A 164 15.41 8.15 0.29
C GLU A 164 15.76 9.22 -0.75
N ARG A 165 15.72 10.49 -0.33
CA ARG A 165 16.02 11.59 -1.22
C ARG A 165 17.46 11.55 -1.70
N GLU A 166 18.41 11.66 -0.78
CA GLU A 166 19.83 11.64 -1.14
C GLU A 166 20.31 10.25 -1.49
N SER A 167 19.48 9.49 -2.22
CA SER A 167 19.83 8.13 -2.59
C SER A 167 18.95 7.55 -3.70
N GLY A 168 17.87 8.23 -4.03
CA GLY A 168 16.97 7.74 -5.05
C GLY A 168 17.31 8.16 -6.47
N ASP A 169 18.52 7.83 -6.92
CA ASP A 169 18.96 8.19 -8.25
C ASP A 169 17.98 7.67 -9.31
N ARG A 170 17.48 6.45 -9.12
CA ARG A 170 16.56 5.91 -10.09
C ARG A 170 15.24 6.69 -10.14
N ASN A 171 14.73 7.14 -8.99
CA ASN A 171 13.48 7.91 -9.01
C ASN A 171 13.73 9.25 -9.72
N PHE A 172 14.94 9.80 -9.59
CA PHE A 172 15.25 11.04 -10.27
C PHE A 172 15.33 10.82 -11.78
N ALA A 173 15.83 9.65 -12.18
CA ALA A 173 15.94 9.30 -13.60
C ALA A 173 14.52 9.30 -14.13
N ILE A 174 13.64 8.63 -13.39
CA ILE A 174 12.24 8.55 -13.76
C ILE A 174 11.62 9.95 -13.78
N GLY A 175 11.97 10.75 -12.78
CA GLY A 175 11.47 12.11 -12.69
C GLY A 175 11.78 12.92 -13.93
N TYR A 176 13.05 12.96 -14.32
CA TYR A 176 13.43 13.72 -15.51
C TYR A 176 12.84 13.12 -16.78
N TYR A 177 12.80 11.80 -16.87
CA TYR A 177 12.26 11.17 -18.05
C TYR A 177 10.78 11.56 -18.26
N LEU A 178 10.00 11.52 -17.18
CA LEU A 178 8.59 11.89 -17.26
C LEU A 178 8.44 13.35 -17.65
N LYS A 179 9.34 14.20 -17.16
CA LYS A 179 9.32 15.62 -17.48
C LYS A 179 9.57 15.77 -18.98
N GLU A 180 10.52 14.98 -19.48
CA GLU A 180 10.89 14.98 -20.88
C GLU A 180 9.70 14.61 -21.77
N LYS A 181 8.93 13.61 -21.34
CA LYS A 181 7.77 13.14 -22.08
C LYS A 181 6.49 13.91 -21.73
N LYS A 182 6.64 15.06 -21.07
CA LYS A 182 5.48 15.87 -20.71
C LYS A 182 4.39 15.05 -20.02
N CYS A 183 4.80 14.20 -19.06
CA CYS A 183 3.83 13.38 -18.35
C CYS A 183 3.15 14.08 -17.15
N PHE A 184 3.70 15.22 -16.74
CA PHE A 184 3.14 15.98 -15.61
C PHE A 184 2.18 17.08 -16.05
N PRO A 185 1.29 17.51 -15.15
CA PRO A 185 0.33 18.59 -15.47
C PRO A 185 1.10 19.88 -15.72
N GLU A 186 0.57 20.73 -16.60
CA GLU A 186 1.19 21.99 -16.93
C GLU A 186 1.71 22.73 -15.69
N GLY A 187 2.97 23.16 -15.73
CA GLY A 187 3.55 23.91 -14.62
C GLY A 187 3.92 23.14 -13.37
N THR A 188 4.27 21.86 -13.53
CA THR A 188 4.65 21.05 -12.39
C THR A 188 6.13 21.22 -12.05
N ASP A 189 6.42 21.37 -10.76
CA ASP A 189 7.80 21.48 -10.31
C ASP A 189 8.22 20.03 -10.01
N MET A 190 8.80 19.38 -11.01
CA MET A 190 9.22 17.98 -10.91
C MET A 190 10.07 17.63 -9.68
N VAL A 191 11.14 18.37 -9.45
CA VAL A 191 11.99 18.10 -8.30
C VAL A 191 11.21 18.25 -7.00
N GLY A 192 10.25 19.17 -6.98
CA GLY A 192 9.42 19.37 -5.80
C GLY A 192 8.50 18.19 -5.61
N ILE A 193 8.02 17.63 -6.72
CA ILE A 193 7.14 16.48 -6.66
C ILE A 193 7.89 15.25 -6.13
N LEU A 194 9.13 15.04 -6.56
CA LEU A 194 9.89 13.90 -6.07
C LEU A 194 10.09 14.00 -4.56
N ASP A 195 10.16 15.24 -4.06
CA ASP A 195 10.34 15.50 -2.65
C ASP A 195 9.07 15.08 -1.90
N PHE A 196 7.93 15.45 -2.44
CA PHE A 196 6.64 15.09 -1.85
C PHE A 196 6.53 13.56 -1.88
N TYR A 197 6.97 12.96 -2.99
CA TYR A 197 6.92 11.50 -3.16
C TYR A 197 7.76 10.77 -2.11
N PHE A 198 8.96 11.29 -1.83
CA PHE A 198 9.83 10.67 -0.84
C PHE A 198 9.22 10.76 0.56
N GLN A 199 8.54 11.87 0.82
CA GLN A 199 7.87 12.08 2.10
C GLN A 199 6.74 11.07 2.28
N LEU A 200 5.90 10.93 1.26
CA LEU A 200 4.79 9.99 1.33
C LEU A 200 5.25 8.56 1.62
N CYS A 201 6.40 8.20 1.06
CA CYS A 201 6.95 6.86 1.26
C CYS A 201 7.49 6.70 2.67
N SER A 202 7.76 7.83 3.31
CA SER A 202 8.31 7.84 4.66
C SER A 202 7.27 7.92 5.78
N ILE A 203 5.99 7.96 5.42
CA ILE A 203 4.91 8.00 6.41
C ILE A 203 4.91 6.68 7.18
N GLU A 204 4.77 6.76 8.50
CA GLU A 204 4.78 5.56 9.35
C GLU A 204 3.41 5.15 9.89
N VAL A 205 3.25 3.85 10.03
CA VAL A 205 2.01 3.29 10.56
C VAL A 205 2.43 2.08 11.38
N THR A 206 1.44 1.44 11.98
CA THR A 206 1.67 0.22 12.76
C THR A 206 0.72 -0.75 12.08
N CYS A 207 0.85 -2.04 12.35
CA CYS A 207 -0.05 -2.99 11.72
C CYS A 207 -1.49 -2.64 12.08
N GLU A 208 -1.67 -2.19 13.32
CA GLU A 208 -2.99 -1.84 13.81
C GLU A 208 -3.65 -0.68 13.09
N SER A 209 -2.95 0.44 12.95
CA SER A 209 -3.56 1.57 12.25
C SER A 209 -3.71 1.28 10.76
N ALA A 210 -2.78 0.50 10.19
CA ALA A 210 -2.83 0.18 8.78
C ALA A 210 -4.02 -0.74 8.46
N SER A 211 -4.26 -1.72 9.33
CA SER A 211 -5.37 -2.65 9.14
C SER A 211 -6.68 -1.87 9.10
N VAL A 212 -6.74 -0.76 9.81
CA VAL A 212 -7.95 0.04 9.79
C VAL A 212 -8.07 0.71 8.43
N MET A 213 -6.93 1.11 7.87
CA MET A 213 -6.93 1.74 6.56
C MET A 213 -7.46 0.73 5.54
N ALA A 214 -6.95 -0.51 5.64
CA ALA A 214 -7.37 -1.58 4.75
C ALA A 214 -8.86 -1.85 4.89
N ALA A 215 -9.34 -1.85 6.13
CA ALA A 215 -10.75 -2.10 6.41
C ALA A 215 -11.62 -1.01 5.77
N THR A 216 -11.10 0.22 5.72
CA THR A 216 -11.87 1.29 5.10
C THR A 216 -12.09 0.96 3.61
N LEU A 217 -11.08 0.38 2.97
CA LEU A 217 -11.19 0.02 1.57
C LEU A 217 -12.11 -1.19 1.43
N ALA A 218 -12.09 -2.06 2.43
CA ALA A 218 -12.91 -3.25 2.44
C ALA A 218 -14.37 -2.87 2.68
N ASN A 219 -14.56 -1.72 3.31
CA ASN A 219 -15.90 -1.23 3.65
C ASN A 219 -16.43 -0.17 2.68
N GLY A 220 -16.10 -0.32 1.40
CA GLY A 220 -16.57 0.61 0.39
C GLY A 220 -16.23 2.08 0.57
N GLY A 221 -15.22 2.39 1.38
CA GLY A 221 -14.85 3.77 1.58
C GLY A 221 -15.27 4.36 2.91
N PHE A 222 -15.86 3.55 3.79
CA PHE A 222 -16.27 4.02 5.09
C PHE A 222 -15.37 3.45 6.18
N CYS A 223 -14.84 4.31 7.04
CA CYS A 223 -13.97 3.85 8.11
C CYS A 223 -14.76 3.01 9.12
N PRO A 224 -14.45 1.71 9.24
CA PRO A 224 -15.12 0.79 10.15
C PRO A 224 -15.21 1.21 11.61
N ILE A 225 -14.34 2.11 12.05
CA ILE A 225 -14.39 2.52 13.45
C ILE A 225 -14.83 3.95 13.71
N THR A 226 -15.39 4.61 12.70
CA THR A 226 -15.88 5.98 12.84
C THR A 226 -17.16 6.16 12.06
N GLY A 227 -17.45 5.21 11.17
CA GLY A 227 -18.65 5.27 10.35
C GLY A 227 -18.56 6.31 9.24
N GLU A 228 -17.51 7.12 9.27
CA GLU A 228 -17.33 8.18 8.28
C GLU A 228 -16.97 7.74 6.87
N ARG A 229 -17.46 8.51 5.91
CA ARG A 229 -17.16 8.27 4.51
C ARG A 229 -15.83 8.97 4.26
N VAL A 230 -14.81 8.20 3.90
CA VAL A 230 -13.48 8.76 3.66
C VAL A 230 -13.16 8.85 2.18
N LEU A 231 -13.49 7.79 1.44
CA LEU A 231 -13.24 7.75 0.01
C LEU A 231 -14.51 7.43 -0.75
N SER A 232 -14.61 7.98 -1.96
CA SER A 232 -15.77 7.76 -2.82
C SER A 232 -15.76 6.32 -3.34
N PRO A 233 -16.95 5.75 -3.59
CA PRO A 233 -17.07 4.38 -4.09
C PRO A 233 -16.19 4.15 -5.33
N GLU A 234 -16.18 5.13 -6.21
CA GLU A 234 -15.40 5.08 -7.42
C GLU A 234 -13.91 4.87 -7.08
N ALA A 235 -13.42 5.68 -6.15
CA ALA A 235 -12.03 5.59 -5.72
C ALA A 235 -11.66 4.22 -5.16
N VAL A 236 -12.52 3.70 -4.29
CA VAL A 236 -12.28 2.40 -3.69
C VAL A 236 -12.22 1.27 -4.72
N ARG A 237 -13.20 1.23 -5.63
CA ARG A 237 -13.24 0.17 -6.65
C ARG A 237 -12.01 0.19 -7.56
N ASN A 238 -11.59 1.37 -7.98
CA ASN A 238 -10.42 1.51 -8.85
C ASN A 238 -9.19 0.98 -8.11
N THR A 239 -8.98 1.50 -6.89
CA THR A 239 -7.85 1.10 -6.06
C THR A 239 -7.79 -0.40 -5.91
N LEU A 240 -8.92 -1.01 -5.58
CA LEU A 240 -8.98 -2.45 -5.40
C LEU A 240 -8.63 -3.21 -6.67
N SER A 241 -9.16 -2.76 -7.81
CA SER A 241 -8.88 -3.43 -9.09
C SER A 241 -7.39 -3.45 -9.37
N LEU A 242 -6.74 -2.28 -9.23
CA LEU A 242 -5.30 -2.17 -9.47
C LEU A 242 -4.46 -2.91 -8.42
N MET A 243 -4.95 -2.99 -7.18
CA MET A 243 -4.20 -3.71 -6.15
C MET A 243 -4.28 -5.19 -6.49
N HIS A 244 -5.41 -5.59 -7.08
CA HIS A 244 -5.61 -6.98 -7.46
C HIS A 244 -4.61 -7.41 -8.53
N SER A 245 -4.34 -6.54 -9.49
CA SER A 245 -3.45 -6.86 -10.59
C SER A 245 -2.03 -6.30 -10.56
N CYS A 246 -1.76 -5.26 -9.77
CA CYS A 246 -0.41 -4.69 -9.78
C CYS A 246 0.17 -4.39 -8.41
N GLY A 247 -0.42 -4.96 -7.35
CA GLY A 247 0.06 -4.64 -6.02
C GLY A 247 1.20 -5.41 -5.39
N MET A 248 1.61 -6.50 -6.02
CA MET A 248 2.68 -7.32 -5.47
C MET A 248 3.93 -7.41 -6.34
N TYR A 249 4.30 -6.29 -6.96
CA TYR A 249 5.48 -6.26 -7.83
C TYR A 249 5.39 -7.40 -8.84
N ASP A 250 6.52 -8.04 -9.13
CA ASP A 250 6.56 -9.14 -10.10
C ASP A 250 5.84 -10.40 -9.66
N PHE A 251 5.30 -10.40 -8.45
CA PHE A 251 4.58 -11.58 -7.96
C PHE A 251 3.07 -11.38 -8.15
N SER A 252 2.68 -10.20 -8.63
CA SER A 252 1.26 -9.86 -8.83
C SER A 252 0.46 -10.96 -9.54
N GLY A 253 0.99 -11.50 -10.63
CA GLY A 253 0.30 -12.56 -11.36
C GLY A 253 0.05 -13.79 -10.50
N GLN A 254 1.13 -14.34 -9.95
CA GLN A 254 1.04 -15.50 -9.09
C GLN A 254 0.08 -15.20 -7.94
N PHE A 255 0.23 -14.03 -7.34
CA PHE A 255 -0.61 -13.64 -6.21
C PHE A 255 -2.10 -13.61 -6.58
N ALA A 256 -2.42 -13.01 -7.73
CA ALA A 256 -3.82 -12.93 -8.17
C ALA A 256 -4.37 -14.32 -8.44
N PHE A 257 -3.52 -15.20 -8.95
CA PHE A 257 -3.97 -16.54 -9.25
C PHE A 257 -4.17 -17.40 -8.00
N HIS A 258 -3.21 -17.40 -7.09
CA HIS A 258 -3.30 -18.23 -5.88
C HIS A 258 -3.99 -17.64 -4.66
N VAL A 259 -3.92 -16.32 -4.51
CA VAL A 259 -4.55 -15.68 -3.35
C VAL A 259 -5.85 -15.00 -3.74
N GLY A 260 -5.86 -14.33 -4.88
CA GLY A 260 -7.07 -13.67 -5.35
C GLY A 260 -7.63 -12.58 -4.45
N LEU A 261 -6.75 -11.78 -3.86
CA LEU A 261 -7.20 -10.70 -3.00
C LEU A 261 -6.45 -9.40 -3.31
N PRO A 262 -7.13 -8.25 -3.18
CA PRO A 262 -6.45 -6.98 -3.45
C PRO A 262 -5.39 -6.77 -2.37
N ALA A 263 -4.13 -6.58 -2.78
CA ALA A 263 -3.05 -6.37 -1.82
C ALA A 263 -1.95 -5.47 -2.36
N LYS A 264 -1.16 -4.91 -1.45
CA LYS A 264 -0.05 -4.05 -1.84
C LYS A 264 1.10 -4.20 -0.85
N SER A 265 2.26 -4.54 -1.38
CA SER A 265 3.44 -4.72 -0.54
C SER A 265 4.36 -3.49 -0.54
N GLY A 266 5.30 -3.47 0.41
CA GLY A 266 6.25 -2.39 0.54
C GLY A 266 7.57 -2.97 1.00
N VAL A 267 8.66 -2.30 0.63
CA VAL A 267 10.01 -2.77 0.95
C VAL A 267 10.31 -2.84 2.45
N ALA A 268 9.46 -2.22 3.26
CA ALA A 268 9.64 -2.24 4.72
C ALA A 268 9.18 -3.61 5.25
N GLY A 269 8.53 -4.38 4.40
CA GLY A 269 8.05 -5.71 4.79
C GLY A 269 6.55 -5.78 5.03
N GLY A 270 5.85 -4.69 4.73
CA GLY A 270 4.43 -4.69 4.95
C GLY A 270 3.61 -5.17 3.76
N ILE A 271 2.42 -5.67 4.06
CA ILE A 271 1.50 -6.14 3.03
C ILE A 271 0.09 -5.72 3.46
N LEU A 272 -0.43 -4.71 2.78
CA LEU A 272 -1.77 -4.19 3.03
C LEU A 272 -2.72 -5.14 2.31
N LEU A 273 -3.50 -5.93 3.06
CA LEU A 273 -4.43 -6.89 2.46
C LEU A 273 -5.88 -6.50 2.65
N VAL A 274 -6.71 -6.80 1.65
CA VAL A 274 -8.13 -6.45 1.71
C VAL A 274 -9.06 -7.58 1.26
N VAL A 275 -10.03 -7.89 2.10
CA VAL A 275 -11.03 -8.91 1.81
C VAL A 275 -12.32 -8.13 1.73
N PRO A 276 -12.74 -7.75 0.51
CA PRO A 276 -13.94 -6.98 0.24
C PRO A 276 -15.16 -7.36 1.08
N ASN A 277 -15.77 -6.35 1.70
CA ASN A 277 -16.97 -6.54 2.52
C ASN A 277 -16.77 -7.48 3.72
N VAL A 278 -15.53 -7.72 4.10
CA VAL A 278 -15.26 -8.59 5.23
C VAL A 278 -14.27 -7.98 6.22
N MET A 279 -13.08 -7.64 5.74
CA MET A 279 -12.07 -7.06 6.62
C MET A 279 -10.86 -6.49 5.91
N GLY A 280 -10.05 -5.77 6.69
CA GLY A 280 -8.82 -5.18 6.20
C GLY A 280 -7.73 -5.80 7.06
N MET A 281 -6.52 -5.92 6.53
CA MET A 281 -5.42 -6.49 7.28
C MET A 281 -4.11 -5.86 6.92
N MET A 282 -3.14 -6.04 7.80
CA MET A 282 -1.80 -5.52 7.57
C MET A 282 -0.81 -6.51 8.17
N CYS A 283 -0.06 -7.19 7.31
CA CYS A 283 0.95 -8.14 7.72
C CYS A 283 2.26 -7.42 7.60
N TRP A 284 3.18 -7.67 8.52
CA TRP A 284 4.47 -7.01 8.48
C TRP A 284 5.60 -7.89 8.99
N SER A 285 6.66 -7.96 8.21
CA SER A 285 7.85 -8.72 8.55
C SER A 285 8.94 -8.33 7.55
N PRO A 286 9.93 -7.53 8.00
CA PRO A 286 11.08 -7.00 7.25
C PRO A 286 11.77 -7.88 6.22
N PRO A 287 11.93 -9.19 6.49
CA PRO A 287 12.60 -10.00 5.48
C PRO A 287 11.80 -10.20 4.18
N LEU A 288 12.35 -9.72 3.06
CA LEU A 288 11.68 -9.84 1.75
C LEU A 288 12.28 -10.97 0.92
N ASP A 289 11.54 -11.42 -0.11
CA ASP A 289 12.05 -12.46 -1.00
C ASP A 289 12.61 -11.80 -2.25
N LYS A 290 13.00 -12.59 -3.24
CA LYS A 290 13.55 -12.07 -4.49
C LYS A 290 12.63 -11.04 -5.14
N MET A 291 11.32 -11.29 -5.08
CA MET A 291 10.31 -10.41 -5.67
C MET A 291 10.20 -9.09 -4.94
N GLY A 292 10.61 -9.08 -3.67
CA GLY A 292 10.53 -7.87 -2.87
C GLY A 292 9.37 -7.87 -1.87
N ASN A 293 8.71 -9.02 -1.73
CA ASN A 293 7.59 -9.12 -0.81
C ASN A 293 8.00 -9.80 0.50
N SER A 294 7.30 -9.45 1.58
CA SER A 294 7.59 -10.03 2.89
C SER A 294 7.37 -11.55 2.85
N VAL A 295 8.42 -12.31 3.12
CA VAL A 295 8.34 -13.78 3.12
C VAL A 295 7.22 -14.31 4.02
N LYS A 296 7.24 -13.96 5.29
CA LYS A 296 6.20 -14.43 6.21
C LYS A 296 4.84 -13.94 5.74
N GLY A 297 4.81 -12.73 5.20
CA GLY A 297 3.57 -12.16 4.71
C GLY A 297 2.98 -12.96 3.57
N ILE A 298 3.80 -13.27 2.57
CA ILE A 298 3.32 -14.04 1.44
C ILE A 298 2.79 -15.38 1.92
N HIS A 299 3.55 -16.04 2.80
CA HIS A 299 3.16 -17.33 3.33
C HIS A 299 1.79 -17.25 4.03
N PHE A 300 1.67 -16.33 4.96
CA PHE A 300 0.44 -16.12 5.70
C PHE A 300 -0.77 -15.91 4.77
N CYS A 301 -0.61 -15.05 3.76
CA CYS A 301 -1.70 -14.78 2.82
C CYS A 301 -2.18 -16.03 2.10
N HIS A 302 -1.26 -16.89 1.68
CA HIS A 302 -1.67 -18.11 1.00
C HIS A 302 -2.48 -18.98 1.95
N ASP A 303 -1.97 -19.15 3.17
CA ASP A 303 -2.63 -19.96 4.19
C ASP A 303 -4.02 -19.43 4.53
N LEU A 304 -4.16 -18.11 4.63
CA LEU A 304 -5.44 -17.50 4.97
C LEU A 304 -6.52 -17.84 3.95
N VAL A 305 -6.16 -17.81 2.68
CA VAL A 305 -7.11 -18.09 1.61
C VAL A 305 -7.42 -19.58 1.49
N SER A 306 -6.42 -20.43 1.73
CA SER A 306 -6.62 -21.87 1.66
C SER A 306 -7.51 -22.35 2.81
N LEU A 307 -7.43 -21.66 3.94
CA LEU A 307 -8.22 -22.03 5.11
C LEU A 307 -9.63 -21.46 5.11
N CYS A 308 -9.73 -20.15 4.93
CA CYS A 308 -11.02 -19.47 4.96
C CYS A 308 -11.74 -19.30 3.62
N ASN A 309 -11.13 -19.80 2.56
CA ASN A 309 -11.72 -19.69 1.22
C ASN A 309 -12.16 -18.25 0.96
N PHE A 310 -11.19 -17.35 1.01
CA PHE A 310 -11.42 -15.93 0.80
C PHE A 310 -11.12 -15.50 -0.64
N HIS A 311 -10.52 -16.40 -1.42
CA HIS A 311 -10.18 -16.13 -2.81
C HIS A 311 -11.35 -15.51 -3.54
N ASN A 312 -11.06 -14.45 -4.28
CA ASN A 312 -12.07 -13.73 -5.05
C ASN A 312 -13.07 -14.67 -5.75
N TYR A 313 -12.60 -15.80 -6.25
CA TYR A 313 -13.48 -16.72 -6.96
C TYR A 313 -13.77 -18.08 -6.30
N ASP A 314 -14.07 -18.05 -5.00
CA ASP A 314 -14.42 -19.26 -4.25
C ASP A 314 -15.95 -19.33 -4.13
N26 BP9 B . 12.36 4.48 -23.36
N27 BP9 B . 8.70 3.74 -23.09
N28 BP9 B . 11.16 4.23 -23.91
C30 BP9 B . 13.65 4.80 -21.38
C31 BP9 B . 10.07 4.03 -23.01
C32 BP9 B . 14.26 3.46 -21.01
C33 BP9 B . 12.30 4.52 -21.96
S35 BP9 B . 10.79 4.22 -21.47
#